data_6KE1
#
_entry.id   6KE1
#
_cell.length_a   150.432
_cell.length_b   150.432
_cell.length_c   219.430
_cell.angle_alpha   90.000
_cell.angle_beta   90.000
_cell.angle_gamma   120.000
#
_symmetry.space_group_name_H-M   'P 64 2 2'
#
_entity_poly.entity_id   1
_entity_poly.type   'polypeptide(L)'
_entity_poly.pdbx_seq_one_letter_code
;MPPVSSARNLKELPKFRDGLSYLYVEHAVVEREAGGIGIYDQEGLTLAPVAGLGVLFLGPGTRITHAAVRLLAENGCTVA
WVGEGMARFYAQGLGDTRSAARFYRQARAWADPALHLEVVMRLYRMRFSEPLPEGLTLEQVRGLEGVRVRNAYARWSRET
GVPWYGRSYDRGNWRAADPVNRALSAGASYLYGLAHAAIVSLGFSPALGFIHTGKLLSFVYDIADLYKADYLVPAAFRTV
AESEEAVERRVRRALREAIQEGRLLERMAEDLLNLFRGLGLPEEEDPVEEDPTRPGGLWDLEGEVEGGVAYGGDDPGEGA
EEPEG
;
_entity_poly.pdbx_strand_id   A,B
#
# COMPACT_ATOMS: atom_id res chain seq x y z
N PHE A 16 11.38 6.53 -21.74
CA PHE A 16 11.46 5.32 -22.57
C PHE A 16 12.52 4.37 -22.02
N ARG A 17 12.40 4.05 -20.73
CA ARG A 17 13.33 3.16 -20.03
C ARG A 17 12.64 1.82 -19.77
N ASP A 18 13.37 0.73 -20.02
CA ASP A 18 12.78 -0.61 -20.04
C ASP A 18 12.11 -0.98 -18.72
N GLY A 19 10.83 -1.30 -18.80
CA GLY A 19 10.06 -1.82 -17.68
C GLY A 19 9.77 -0.84 -16.57
N LEU A 20 10.08 0.44 -16.74
CA LEU A 20 10.11 1.36 -15.62
C LEU A 20 9.42 2.68 -15.99
N SER A 21 9.40 3.61 -15.04
CA SER A 21 8.44 4.70 -15.00
C SER A 21 8.68 5.77 -16.05
N TYR A 22 7.58 6.45 -16.40
CA TYR A 22 7.47 7.65 -17.23
C TYR A 22 6.28 8.45 -16.73
N LEU A 23 5.81 9.38 -17.56
CA LEU A 23 4.46 9.96 -17.42
C LEU A 23 4.16 10.88 -16.24
N TYR A 24 4.55 12.15 -16.38
CA TYR A 24 3.97 13.21 -15.58
C TYR A 24 2.68 13.67 -16.24
N VAL A 25 1.66 13.95 -15.44
CA VAL A 25 0.34 14.36 -15.92
C VAL A 25 -0.17 15.49 -15.05
N GLU A 26 -0.59 16.59 -15.68
CA GLU A 26 -1.19 17.71 -14.96
C GLU A 26 -2.35 18.29 -15.75
N HIS A 27 -3.34 18.79 -15.04
CA HIS A 27 -4.51 19.47 -15.61
C HIS A 27 -5.19 18.61 -16.67
N ALA A 28 -5.58 17.40 -16.27
CA ALA A 28 -6.20 16.47 -17.19
C ALA A 28 -7.11 15.52 -16.43
N VAL A 29 -7.79 14.65 -17.17
CA VAL A 29 -8.59 13.58 -16.60
C VAL A 29 -8.03 12.25 -17.08
N VAL A 30 -7.80 11.32 -16.14
CA VAL A 30 -7.20 10.03 -16.45
C VAL A 30 -8.30 8.98 -16.36
N GLU A 31 -8.63 8.35 -17.49
CA GLU A 31 -9.68 7.35 -17.56
C GLU A 31 -9.13 6.04 -18.15
N ARG A 32 -9.91 4.98 -18.01
CA ARG A 32 -9.62 3.68 -18.63
C ARG A 32 -10.07 3.64 -20.09
N GLU A 33 -9.16 3.27 -21.00
CA GLU A 33 -9.48 3.12 -22.40
C GLU A 33 -8.94 1.79 -22.90
N ALA A 34 -9.52 1.33 -24.02
CA ALA A 34 -9.05 0.11 -24.65
C ALA A 34 -7.60 0.26 -25.07
N GLY A 35 -6.72 -0.51 -24.44
CA GLY A 35 -5.31 -0.41 -24.72
C GLY A 35 -4.49 0.33 -23.69
N GLY A 36 -5.10 0.78 -22.59
CA GLY A 36 -4.36 1.45 -21.55
C GLY A 36 -5.15 2.60 -20.96
N ILE A 37 -4.43 3.58 -20.44
CA ILE A 37 -5.07 4.76 -19.89
C ILE A 37 -5.22 5.83 -20.95
N GLY A 38 -6.34 6.52 -20.93
CA GLY A 38 -6.55 7.67 -21.76
C GLY A 38 -6.57 8.92 -20.91
N ILE A 39 -5.59 9.79 -21.16
CA ILE A 39 -5.51 11.09 -20.52
C ILE A 39 -6.15 12.11 -21.44
N TYR A 40 -7.31 12.61 -21.02
CA TYR A 40 -7.98 13.69 -21.72
C TYR A 40 -7.38 14.99 -21.19
N ASP A 41 -6.56 15.62 -22.03
CA ASP A 41 -5.84 16.86 -21.76
C ASP A 41 -6.43 17.98 -22.62
N GLN A 42 -6.01 19.21 -22.33
CA GLN A 42 -6.36 20.33 -23.21
C GLN A 42 -5.88 20.07 -24.64
N GLU A 43 -4.76 19.38 -24.80
CA GLU A 43 -4.23 19.02 -26.11
C GLU A 43 -4.98 17.86 -26.75
N GLY A 44 -6.12 17.43 -26.21
CA GLY A 44 -6.86 16.37 -26.85
C GLY A 44 -6.94 15.11 -26.02
N LEU A 45 -6.72 13.96 -26.65
CA LEU A 45 -6.74 12.67 -25.99
C LEU A 45 -5.43 11.98 -26.30
N THR A 46 -4.69 11.64 -25.24
CA THR A 46 -3.48 10.86 -25.36
C THR A 46 -3.74 9.49 -24.74
N LEU A 47 -3.16 8.45 -25.33
CA LEU A 47 -3.39 7.11 -24.83
C LEU A 47 -2.04 6.47 -24.55
N ALA A 48 -1.88 5.94 -23.34
CA ALA A 48 -0.62 5.38 -22.92
C ALA A 48 -0.84 3.94 -22.47
N PRO A 49 0.03 3.03 -22.89
CA PRO A 49 -0.06 1.65 -22.42
C PRO A 49 0.43 1.55 -20.98
N VAL A 50 -0.42 0.97 -20.12
CA VAL A 50 -0.09 0.86 -18.71
C VAL A 50 0.97 -0.20 -18.46
N ALA A 51 1.12 -1.17 -19.36
CA ALA A 51 2.08 -2.24 -19.16
C ALA A 51 3.49 -1.66 -19.23
N GLY A 52 4.27 -1.86 -18.17
CA GLY A 52 5.59 -1.27 -18.14
C GLY A 52 5.59 0.24 -18.03
N LEU A 53 4.66 0.80 -17.24
CA LEU A 53 4.58 2.25 -17.05
C LEU A 53 5.21 2.72 -15.75
N GLY A 54 5.49 1.82 -14.79
CA GLY A 54 6.13 2.23 -13.56
C GLY A 54 5.27 3.12 -12.68
N VAL A 55 5.47 4.43 -12.77
CA VAL A 55 4.73 5.41 -11.97
C VAL A 55 3.91 6.28 -12.92
N LEU A 56 2.70 6.60 -12.49
CA LEU A 56 1.92 7.67 -13.11
C LEU A 56 1.95 8.85 -12.15
N PHE A 57 2.68 9.90 -12.53
CA PHE A 57 2.80 11.09 -11.70
C PHE A 57 1.63 12.01 -11.99
N LEU A 58 0.80 12.25 -10.99
CA LEU A 58 -0.36 13.13 -11.12
C LEU A 58 -0.04 14.47 -10.45
N GLY A 59 0.11 15.51 -11.25
CA GLY A 59 0.29 16.85 -10.72
C GLY A 59 -1.03 17.49 -10.37
N PRO A 60 -1.02 18.79 -10.10
CA PRO A 60 -2.26 19.48 -9.72
C PRO A 60 -3.24 19.58 -10.88
N GLY A 61 -4.52 19.68 -10.54
CA GLY A 61 -5.60 19.73 -11.50
C GLY A 61 -5.99 18.41 -12.13
N THR A 62 -5.48 17.30 -11.64
CA THR A 62 -5.72 16.00 -12.25
C THR A 62 -6.87 15.29 -11.56
N ARG A 63 -7.69 14.62 -12.35
CA ARG A 63 -8.78 13.79 -11.85
C ARG A 63 -8.63 12.40 -12.43
N ILE A 64 -8.56 11.40 -11.57
CA ILE A 64 -8.41 10.02 -12.00
C ILE A 64 -9.69 9.27 -11.64
N THR A 65 -10.07 8.34 -12.52
CA THR A 65 -11.30 7.58 -12.35
C THR A 65 -10.98 6.22 -11.77
N HIS A 66 -11.93 5.68 -11.00
CA HIS A 66 -11.78 4.37 -10.39
C HIS A 66 -11.37 3.32 -11.41
N ALA A 67 -11.94 3.36 -12.61
CA ALA A 67 -11.54 2.41 -13.66
C ALA A 67 -10.06 2.52 -13.97
N ALA A 68 -9.55 3.76 -14.12
CA ALA A 68 -8.14 3.96 -14.39
C ALA A 68 -7.27 3.46 -13.25
N VAL A 69 -7.68 3.72 -12.01
CA VAL A 69 -6.90 3.27 -10.86
C VAL A 69 -6.88 1.75 -10.80
N ARG A 70 -8.02 1.12 -11.09
CA ARG A 70 -8.10 -0.34 -11.11
C ARG A 70 -7.17 -0.91 -12.17
N LEU A 71 -7.19 -0.33 -13.37
CA LEU A 71 -6.31 -0.79 -14.43
C LEU A 71 -4.84 -0.68 -14.03
N LEU A 72 -4.46 0.49 -13.49
CA LEU A 72 -3.06 0.70 -13.10
C LEU A 72 -2.63 -0.30 -12.04
N ALA A 73 -3.45 -0.46 -11.00
CA ALA A 73 -3.07 -1.33 -9.89
C ALA A 73 -3.05 -2.80 -10.30
N GLU A 74 -3.98 -3.21 -11.16
CA GLU A 74 -3.96 -4.59 -11.62
C GLU A 74 -2.82 -4.86 -12.60
N ASN A 75 -2.25 -3.83 -13.22
CA ASN A 75 -1.15 -4.03 -14.15
C ASN A 75 0.21 -3.65 -13.54
N GLY A 76 0.35 -3.82 -12.22
CA GLY A 76 1.62 -3.62 -11.54
C GLY A 76 2.16 -2.21 -11.57
N CYS A 77 1.29 -1.22 -11.68
CA CYS A 77 1.69 0.18 -11.69
C CYS A 77 1.42 0.85 -10.36
N THR A 78 2.07 2.00 -10.16
CA THR A 78 1.79 2.87 -9.02
C THR A 78 1.47 4.27 -9.51
N VAL A 79 0.69 4.98 -8.70
CA VAL A 79 0.33 6.37 -8.99
C VAL A 79 0.85 7.24 -7.85
N ALA A 80 1.63 8.25 -8.19
CA ALA A 80 2.20 9.17 -7.22
C ALA A 80 1.61 10.56 -7.42
N TRP A 81 0.94 11.07 -6.39
CA TRP A 81 0.42 12.43 -6.42
C TRP A 81 1.54 13.39 -6.01
N VAL A 82 2.07 14.14 -6.98
CA VAL A 82 3.15 15.09 -6.75
C VAL A 82 2.62 16.49 -7.05
N GLY A 83 3.38 17.49 -6.63
CA GLY A 83 2.98 18.87 -6.85
C GLY A 83 3.78 19.80 -5.95
N GLU A 84 3.24 21.00 -5.75
CA GLU A 84 3.94 21.97 -4.91
C GLU A 84 3.89 21.49 -3.46
N GLY A 85 4.75 20.51 -3.18
CA GLY A 85 4.79 19.91 -1.84
C GLY A 85 3.45 19.35 -1.42
N MET A 86 3.05 19.75 -0.22
CA MET A 86 1.75 19.59 0.42
C MET A 86 1.32 18.19 0.87
N ALA A 87 1.73 17.11 0.21
CA ALA A 87 1.35 15.82 0.78
C ALA A 87 2.15 14.57 0.44
N ARG A 88 2.69 14.47 -0.78
CA ARG A 88 3.31 13.22 -1.21
C ARG A 88 2.40 12.00 -0.98
N PHE A 89 1.34 11.83 -1.77
CA PHE A 89 0.37 10.73 -1.60
C PHE A 89 0.56 9.72 -2.73
N TYR A 90 0.58 8.43 -2.37
CA TYR A 90 0.85 7.34 -3.31
C TYR A 90 -0.34 6.38 -3.39
N ALA A 91 -0.24 5.45 -4.34
CA ALA A 91 -1.22 4.37 -4.47
C ALA A 91 -0.48 3.13 -4.95
N GLN A 92 -0.83 1.99 -4.38
CA GLN A 92 -0.17 0.72 -4.71
C GLN A 92 -1.17 -0.42 -4.76
N GLY A 93 -0.97 -1.32 -5.73
CA GLY A 93 -1.76 -2.54 -5.78
C GLY A 93 -1.07 -3.65 -5.00
N LEU A 94 -0.80 -4.78 -5.66
CA LEU A 94 -0.09 -5.88 -5.04
C LEU A 94 1.31 -6.06 -5.60
N GLY A 95 1.67 -5.28 -6.63
CA GLY A 95 2.98 -5.28 -7.24
C GLY A 95 3.16 -6.49 -8.11
N ASP A 96 3.91 -6.36 -9.21
CA ASP A 96 3.98 -7.45 -10.18
C ASP A 96 5.00 -8.52 -9.80
N THR A 97 5.45 -8.56 -8.54
CA THR A 97 6.10 -9.74 -7.98
C THR A 97 5.12 -10.49 -7.09
N ARG A 98 4.17 -11.17 -7.74
CA ARG A 98 3.11 -11.89 -7.06
C ARG A 98 3.58 -13.24 -6.49
N SER A 99 4.88 -13.54 -6.61
CA SER A 99 5.53 -14.71 -6.04
C SER A 99 6.48 -14.25 -4.94
N ALA A 100 6.00 -13.37 -4.05
CA ALA A 100 6.87 -12.59 -3.18
C ALA A 100 7.34 -13.36 -1.95
N ALA A 101 8.45 -14.07 -2.13
CA ALA A 101 9.22 -14.64 -1.03
C ALA A 101 10.25 -13.65 -0.49
N ARG A 102 10.67 -12.69 -1.31
CA ARG A 102 11.65 -11.68 -0.92
C ARG A 102 11.07 -10.68 0.06
N PHE A 103 9.75 -10.43 0.01
CA PHE A 103 9.10 -9.72 1.11
C PHE A 103 9.50 -10.35 2.44
N TYR A 104 9.54 -11.68 2.48
CA TYR A 104 9.86 -12.39 3.71
C TYR A 104 11.32 -12.19 4.09
N ARG A 105 12.22 -12.14 3.09
CA ARG A 105 13.62 -11.85 3.38
C ARG A 105 13.76 -10.47 4.00
N GLN A 106 13.11 -9.46 3.40
CA GLN A 106 13.14 -8.11 3.94
C GLN A 106 12.57 -8.08 5.36
N ALA A 107 11.50 -8.83 5.61
CA ALA A 107 10.90 -8.85 6.94
C ALA A 107 11.82 -9.50 7.97
N ARG A 108 12.45 -10.61 7.60
CA ARG A 108 13.40 -11.27 8.49
C ARG A 108 14.56 -10.34 8.83
N ALA A 109 15.12 -9.67 7.81
CA ALA A 109 16.17 -8.68 8.04
C ALA A 109 15.69 -7.58 8.99
N TRP A 110 14.53 -6.99 8.69
CA TRP A 110 14.01 -5.89 9.50
C TRP A 110 13.80 -6.31 10.95
N ALA A 111 13.36 -7.54 11.18
CA ALA A 111 12.98 -7.96 12.52
C ALA A 111 14.18 -8.26 13.41
N ASP A 112 15.23 -8.87 12.85
CA ASP A 112 16.36 -9.32 13.66
C ASP A 112 17.35 -8.17 13.81
N PRO A 113 17.68 -7.74 15.04
CA PRO A 113 18.61 -6.61 15.20
C PRO A 113 19.93 -6.78 14.48
N ALA A 114 20.56 -7.95 14.57
CA ALA A 114 21.82 -8.16 13.87
C ALA A 114 21.68 -7.90 12.37
N LEU A 115 20.68 -8.54 11.74
CA LEU A 115 20.52 -8.38 10.30
C LEU A 115 20.00 -6.99 9.96
N HIS A 116 19.21 -6.39 10.85
CA HIS A 116 18.75 -5.02 10.64
C HIS A 116 19.94 -4.07 10.57
N LEU A 117 20.88 -4.20 11.50
CA LEU A 117 22.08 -3.38 11.45
C LEU A 117 22.92 -3.69 10.22
N GLU A 118 23.00 -4.97 9.84
CA GLU A 118 23.73 -5.32 8.62
C GLU A 118 23.16 -4.58 7.41
N VAL A 119 21.83 -4.55 7.29
CA VAL A 119 21.19 -3.87 6.17
C VAL A 119 21.39 -2.35 6.27
N VAL A 120 21.28 -1.79 7.48
CA VAL A 120 21.52 -0.36 7.66
C VAL A 120 22.92 0.01 7.20
N MET A 121 23.92 -0.81 7.56
CA MET A 121 25.29 -0.54 7.16
C MET A 121 25.45 -0.67 5.64
N ARG A 122 24.76 -1.63 5.03
CA ARG A 122 24.79 -1.73 3.57
C ARG A 122 24.18 -0.48 2.93
N LEU A 123 23.08 0.03 3.51
CA LEU A 123 22.41 1.20 2.93
C LEU A 123 23.24 2.48 3.09
N TYR A 124 23.97 2.61 4.20
CA TYR A 124 24.86 3.75 4.36
C TYR A 124 26.08 3.64 3.47
N ARG A 125 26.71 2.46 3.47
CA ARG A 125 27.91 2.23 2.67
C ARG A 125 27.65 2.32 1.17
N MET A 126 26.38 2.25 0.75
CA MET A 126 26.05 2.30 -0.67
C MET A 126 26.01 3.73 -1.23
N ARG A 127 25.68 4.72 -0.40
CA ARG A 127 25.58 6.09 -0.88
C ARG A 127 26.93 6.70 -1.23
N PHE A 128 28.02 6.03 -0.84
CA PHE A 128 29.37 6.53 -1.05
C PHE A 128 29.90 6.06 -2.41
N SER A 129 30.41 7.01 -3.20
CA SER A 129 30.98 6.66 -4.49
C SER A 129 32.29 5.88 -4.31
N GLU A 130 33.19 6.37 -3.47
CA GLU A 130 34.38 5.55 -3.30
C GLU A 130 34.19 4.58 -2.13
N PRO A 131 34.73 3.36 -2.24
CA PRO A 131 34.59 2.40 -1.13
C PRO A 131 35.26 2.89 0.14
N LEU A 132 34.69 2.49 1.26
CA LEU A 132 34.93 2.84 2.65
C LEU A 132 35.73 1.74 3.36
N PRO A 133 36.59 2.11 4.35
CA PRO A 133 37.60 1.18 4.85
C PRO A 133 37.02 -0.02 5.60
N GLU A 134 37.89 -0.80 6.25
CA GLU A 134 37.57 -2.15 6.73
C GLU A 134 36.18 -2.31 7.35
N GLY A 135 35.91 -1.69 8.50
CA GLY A 135 34.57 -1.78 9.05
C GLY A 135 34.26 -0.68 10.04
N LEU A 136 33.20 0.09 9.79
CA LEU A 136 32.85 1.20 10.66
C LEU A 136 31.79 0.80 11.66
N THR A 137 31.61 1.65 12.67
CA THR A 137 30.46 1.59 13.56
C THR A 137 29.35 2.51 13.05
N LEU A 138 28.18 2.38 13.68
CA LEU A 138 27.02 3.14 13.22
C LEU A 138 27.25 4.65 13.34
N GLU A 139 27.75 5.10 14.50
CA GLU A 139 28.03 6.52 14.67
C GLU A 139 29.06 7.00 13.67
N GLN A 140 30.09 6.19 13.42
CA GLN A 140 31.18 6.60 12.55
C GLN A 140 30.69 6.80 11.12
N VAL A 141 29.95 5.82 10.60
CA VAL A 141 29.41 5.93 9.25
C VAL A 141 28.35 7.02 9.16
N ARG A 142 27.56 7.23 10.21
CA ARG A 142 26.54 8.27 10.17
C ARG A 142 27.18 9.66 10.07
N GLY A 143 28.17 9.93 10.94
CA GLY A 143 28.86 11.20 10.86
C GLY A 143 29.61 11.39 9.56
N LEU A 144 30.29 10.34 9.10
CA LEU A 144 31.01 10.42 7.83
C LEU A 144 30.06 10.69 6.67
N GLU A 145 28.87 10.08 6.70
CA GLU A 145 27.87 10.29 5.67
C GLU A 145 27.36 11.73 5.69
N GLY A 146 27.07 12.25 6.89
CA GLY A 146 26.70 13.66 6.99
C GLY A 146 27.77 14.59 6.42
N VAL A 147 29.04 14.26 6.69
CA VAL A 147 30.14 15.03 6.14
C VAL A 147 30.08 15.02 4.61
N ARG A 148 29.95 13.83 4.01
CA ARG A 148 29.87 13.74 2.56
C ARG A 148 28.66 14.50 2.02
N VAL A 149 27.54 14.44 2.73
CA VAL A 149 26.31 15.09 2.27
C VAL A 149 26.51 16.60 2.20
N ARG A 150 27.01 17.20 3.28
CA ARG A 150 27.26 18.64 3.25
C ARG A 150 28.33 19.00 2.22
N ASN A 151 29.32 18.12 2.01
CA ASN A 151 30.33 18.35 1.01
C ASN A 151 29.71 18.45 -0.38
N ALA A 152 28.94 17.43 -0.76
CA ALA A 152 28.29 17.45 -2.08
C ALA A 152 27.30 18.61 -2.20
N TYR A 153 26.67 18.98 -1.09
CA TYR A 153 25.75 20.12 -1.11
C TYR A 153 26.51 21.40 -1.46
N ALA A 154 27.72 21.55 -0.94
CA ALA A 154 28.54 22.72 -1.23
C ALA A 154 29.35 22.58 -2.51
N ARG A 155 29.47 21.37 -3.06
CA ARG A 155 30.27 21.18 -4.26
C ARG A 155 29.56 21.62 -5.54
N TRP A 156 28.24 21.59 -5.56
CA TRP A 156 27.53 22.11 -6.73
C TRP A 156 27.12 23.57 -6.56
N SER A 157 27.07 24.07 -5.32
CA SER A 157 27.06 25.52 -5.12
C SER A 157 28.36 26.15 -5.59
N ARG A 158 29.47 25.39 -5.58
CA ARG A 158 30.76 25.89 -6.06
C ARG A 158 30.97 25.60 -7.53
N GLU A 159 30.44 24.50 -8.05
CA GLU A 159 30.50 24.20 -9.47
C GLU A 159 29.46 24.99 -10.27
N THR A 160 28.49 25.60 -9.59
CA THR A 160 27.36 26.25 -10.24
C THR A 160 26.86 27.36 -9.33
N GLY A 161 26.58 28.52 -9.91
CA GLY A 161 26.40 29.79 -9.22
C GLY A 161 25.65 29.83 -7.91
N VAL A 162 24.64 28.98 -7.77
CA VAL A 162 23.73 28.89 -6.61
C VAL A 162 24.45 29.13 -5.29
N PRO A 163 23.90 29.95 -4.39
CA PRO A 163 24.56 30.22 -3.10
C PRO A 163 24.74 28.97 -2.25
N TRP A 164 25.81 29.00 -1.44
CA TRP A 164 26.17 27.92 -0.52
C TRP A 164 24.99 27.26 0.18
N TYR A 165 24.20 28.05 0.91
CA TYR A 165 23.20 27.48 1.79
C TYR A 165 21.98 27.06 0.97
N GLY A 166 22.06 25.89 0.34
CA GLY A 166 20.82 25.18 0.12
C GLY A 166 20.83 24.00 1.05
N ARG A 167 20.24 24.14 2.24
CA ARG A 167 20.20 23.03 3.16
C ARG A 167 18.79 22.68 3.58
N SER A 168 18.08 23.66 4.12
CA SER A 168 16.80 23.38 4.76
C SER A 168 15.72 23.08 3.73
N TYR A 169 14.54 22.79 4.27
CA TYR A 169 13.40 22.11 3.70
C TYR A 169 12.13 22.77 4.23
N ASP A 170 11.24 21.96 4.80
CA ASP A 170 9.83 22.14 5.13
C ASP A 170 9.39 23.55 5.54
N ARG A 171 8.47 23.61 6.50
CA ARG A 171 7.03 23.81 6.39
C ARG A 171 6.43 24.41 5.13
N GLY A 172 6.85 25.57 4.65
CA GLY A 172 6.04 26.15 3.56
C GLY A 172 6.78 27.00 2.54
N ALA A 177 7.77 28.55 0.09
CA ALA A 177 8.25 29.90 0.37
C ALA A 177 9.73 29.86 0.81
N ASP A 178 10.62 29.61 -0.15
CA ASP A 178 12.02 29.31 0.12
C ASP A 178 12.84 29.79 -1.07
N PRO A 179 14.20 29.81 -0.96
CA PRO A 179 14.99 30.14 -2.16
C PRO A 179 14.93 29.02 -3.17
N VAL A 180 15.77 29.03 -4.21
CA VAL A 180 15.70 27.81 -5.01
C VAL A 180 16.48 26.72 -4.29
N ASN A 181 15.74 26.04 -3.43
CA ASN A 181 16.00 24.74 -2.83
C ASN A 181 14.71 23.95 -2.88
N ARG A 182 13.59 24.62 -3.20
CA ARG A 182 12.31 23.98 -3.48
C ARG A 182 12.35 23.22 -4.77
N ALA A 183 13.32 23.51 -5.63
CA ALA A 183 13.55 22.66 -6.79
C ALA A 183 14.16 21.33 -6.37
N LEU A 184 15.01 21.35 -5.33
CA LEU A 184 15.53 20.12 -4.75
C LEU A 184 14.39 19.22 -4.25
N SER A 185 13.47 19.79 -3.48
CA SER A 185 12.35 19.01 -2.95
C SER A 185 11.36 18.65 -4.04
N ALA A 186 11.13 19.56 -5.00
CA ALA A 186 10.27 19.27 -6.13
C ALA A 186 10.76 18.04 -6.89
N GLY A 187 12.08 17.91 -7.07
CA GLY A 187 12.62 16.71 -7.70
C GLY A 187 12.63 15.52 -6.77
N ALA A 188 12.78 15.76 -5.47
CA ALA A 188 12.67 14.70 -4.47
C ALA A 188 11.33 13.99 -4.59
N SER A 189 10.26 14.75 -4.81
CA SER A 189 8.94 14.14 -5.02
C SER A 189 8.99 13.05 -6.09
N TYR A 190 9.55 13.38 -7.26
CA TYR A 190 9.62 12.41 -8.36
C TYR A 190 10.52 11.24 -8.01
N LEU A 191 11.67 11.52 -7.39
CA LEU A 191 12.58 10.43 -7.02
C LEU A 191 11.93 9.48 -6.02
N TYR A 192 11.13 10.03 -5.10
CA TYR A 192 10.41 9.19 -4.15
C TYR A 192 9.36 8.33 -4.84
N GLY A 193 8.60 8.93 -5.77
CA GLY A 193 7.67 8.13 -6.55
C GLY A 193 8.35 6.98 -7.26
N LEU A 194 9.50 7.27 -7.88
CA LEU A 194 10.27 6.24 -8.59
C LEU A 194 10.71 5.12 -7.65
N ALA A 195 11.28 5.49 -6.50
CA ALA A 195 11.75 4.50 -5.53
C ALA A 195 10.59 3.64 -5.03
N HIS A 196 9.46 4.27 -4.69
CA HIS A 196 8.28 3.54 -4.25
C HIS A 196 7.82 2.54 -5.30
N ALA A 197 7.75 2.98 -6.55
CA ALA A 197 7.38 2.08 -7.63
C ALA A 197 8.33 0.89 -7.70
N ALA A 198 9.63 1.14 -7.60
CA ALA A 198 10.59 0.04 -7.67
C ALA A 198 10.39 -0.93 -6.50
N ILE A 199 10.15 -0.39 -5.31
CA ILE A 199 9.95 -1.23 -4.13
C ILE A 199 8.76 -2.17 -4.33
N VAL A 200 7.59 -1.60 -4.64
CA VAL A 200 6.41 -2.44 -4.77
C VAL A 200 6.48 -3.32 -6.02
N SER A 201 7.18 -2.87 -7.06
CA SER A 201 7.27 -3.64 -8.30
C SER A 201 8.12 -4.88 -8.10
N LEU A 202 9.17 -4.79 -7.28
CA LEU A 202 9.92 -6.00 -6.99
C LEU A 202 9.29 -6.84 -5.89
N GLY A 203 8.16 -6.40 -5.33
CA GLY A 203 7.47 -7.21 -4.34
C GLY A 203 7.94 -7.04 -2.92
N PHE A 204 8.38 -5.83 -2.55
CA PHE A 204 8.81 -5.54 -1.20
C PHE A 204 7.73 -4.75 -0.46
N SER A 205 8.03 -4.38 0.79
CA SER A 205 7.14 -3.57 1.60
C SER A 205 7.75 -2.19 1.78
N PRO A 206 7.08 -1.12 1.35
CA PRO A 206 7.59 0.23 1.64
C PRO A 206 7.41 0.60 3.10
N ALA A 207 6.98 -0.35 3.94
CA ALA A 207 6.70 -0.05 5.33
C ALA A 207 7.76 -0.57 6.29
N LEU A 208 8.59 -1.51 5.85
CA LEU A 208 9.68 -2.03 6.67
C LEU A 208 10.93 -1.22 6.36
N GLY A 209 11.04 -0.09 7.05
CA GLY A 209 12.19 0.78 6.89
C GLY A 209 13.32 0.40 7.84
N PHE A 210 14.54 0.62 7.37
CA PHE A 210 15.75 0.22 8.09
C PHE A 210 16.51 1.39 8.68
N ILE A 211 16.78 2.43 7.87
CA ILE A 211 17.34 3.66 8.41
C ILE A 211 16.23 4.59 8.90
N HIS A 212 15.20 4.79 8.07
CA HIS A 212 14.00 5.50 8.48
C HIS A 212 13.02 4.51 9.09
N THR A 213 12.48 4.87 10.25
CA THR A 213 11.46 4.07 10.93
C THR A 213 10.22 4.93 11.15
N GLY A 214 9.07 4.26 11.34
CA GLY A 214 7.86 4.91 11.80
C GLY A 214 6.73 4.90 10.78
N LYS A 215 7.05 4.98 9.49
CA LYS A 215 6.05 5.18 8.46
C LYS A 215 5.90 3.95 7.57
N LEU A 216 4.71 3.79 7.00
CA LEU A 216 4.44 2.82 5.94
C LEU A 216 5.17 3.12 4.64
N LEU A 217 5.99 4.18 4.60
CA LEU A 217 6.71 4.59 3.41
C LEU A 217 8.19 4.82 3.70
N SER A 218 8.68 4.38 4.86
CA SER A 218 10.06 4.62 5.27
C SER A 218 11.07 4.01 4.30
N PHE A 219 10.83 2.78 3.86
CA PHE A 219 11.80 2.13 2.97
C PHE A 219 11.90 2.88 1.64
N VAL A 220 10.87 3.64 1.28
CA VAL A 220 10.96 4.51 0.10
C VAL A 220 12.08 5.53 0.27
N TYR A 221 12.15 6.16 1.45
CA TYR A 221 13.24 7.09 1.72
C TYR A 221 14.57 6.37 1.77
N ASP A 222 14.61 5.23 2.46
CA ASP A 222 15.82 4.41 2.49
C ASP A 222 16.39 4.19 1.10
N ILE A 223 15.53 3.85 0.14
CA ILE A 223 16.01 3.51 -1.18
C ILE A 223 16.23 4.76 -2.05
N ALA A 224 15.50 5.84 -1.78
CA ALA A 224 15.69 7.06 -2.57
C ALA A 224 16.99 7.76 -2.23
N ASP A 225 17.38 7.77 -0.95
CA ASP A 225 18.59 8.47 -0.54
C ASP A 225 19.83 7.93 -1.25
N LEU A 226 19.80 6.67 -1.70
CA LEU A 226 20.98 6.09 -2.35
C LEU A 226 21.33 6.78 -3.66
N TYR A 227 20.36 7.42 -4.33
CA TYR A 227 20.58 7.97 -5.65
C TYR A 227 20.42 9.47 -5.75
N LYS A 228 19.86 10.13 -4.73
CA LYS A 228 19.63 11.57 -4.82
C LYS A 228 20.94 12.36 -4.94
N ALA A 229 22.03 11.85 -4.39
CA ALA A 229 23.29 12.58 -4.46
C ALA A 229 23.79 12.71 -5.89
N ASP A 230 23.53 11.71 -6.74
CA ASP A 230 23.99 11.73 -8.13
C ASP A 230 22.98 12.35 -9.09
N TYR A 231 21.69 12.34 -8.76
CA TYR A 231 20.64 12.80 -9.67
C TYR A 231 19.90 14.02 -9.16
N LEU A 232 19.56 14.07 -7.88
CA LEU A 232 18.69 15.13 -7.38
C LEU A 232 19.45 16.43 -7.18
N VAL A 233 20.61 16.38 -6.54
CA VAL A 233 21.37 17.58 -6.23
C VAL A 233 21.91 18.22 -7.51
N PRO A 234 22.60 17.47 -8.41
CA PRO A 234 23.08 18.09 -9.67
C PRO A 234 21.96 18.73 -10.48
N ALA A 235 20.93 17.94 -10.81
CA ALA A 235 19.88 18.45 -11.67
C ALA A 235 19.19 19.66 -11.05
N ALA A 236 18.99 19.66 -9.74
CA ALA A 236 18.27 20.77 -9.13
C ALA A 236 19.11 22.04 -9.04
N PHE A 237 20.43 21.94 -8.99
CA PHE A 237 21.28 23.12 -9.08
C PHE A 237 21.57 23.50 -10.53
N ARG A 238 21.87 22.51 -11.38
CA ARG A 238 22.13 22.78 -12.79
C ARG A 238 20.97 23.50 -13.46
N THR A 239 19.75 22.98 -13.26
CA THR A 239 18.58 23.59 -13.88
C THR A 239 18.02 24.73 -13.08
N VAL A 240 18.80 25.27 -12.15
CA VAL A 240 18.50 26.57 -11.60
C VAL A 240 19.70 27.50 -11.65
N ALA A 241 20.77 27.09 -12.33
CA ALA A 241 21.78 28.11 -12.58
C ALA A 241 21.21 29.07 -13.61
N GLU A 242 20.93 28.60 -14.81
CA GLU A 242 20.27 29.44 -15.81
C GLU A 242 18.75 29.42 -15.72
N SER A 243 18.17 29.49 -14.52
CA SER A 243 16.72 29.45 -14.41
C SER A 243 16.06 30.57 -13.63
N GLU A 244 16.23 30.50 -12.31
CA GLU A 244 15.62 31.39 -11.33
C GLU A 244 14.08 31.37 -11.36
N GLU A 245 13.46 30.77 -12.38
CA GLU A 245 12.04 31.02 -12.62
C GLU A 245 11.17 29.77 -12.61
N ALA A 246 11.38 28.85 -13.55
CA ALA A 246 10.49 27.70 -13.78
C ALA A 246 11.00 26.43 -13.11
N VAL A 247 11.31 26.51 -11.82
CA VAL A 247 12.11 25.48 -11.14
C VAL A 247 11.49 24.10 -11.31
N GLU A 248 10.23 23.93 -10.89
CA GLU A 248 9.66 22.58 -10.77
C GLU A 248 9.73 21.79 -12.08
N ARG A 249 9.04 22.29 -13.13
CA ARG A 249 8.92 21.54 -14.36
C ARG A 249 10.27 21.27 -15.01
N ARG A 250 11.19 22.22 -14.92
CA ARG A 250 12.50 22.05 -15.54
C ARG A 250 13.39 21.09 -14.78
N VAL A 251 13.35 21.12 -13.44
CA VAL A 251 14.03 20.09 -12.66
C VAL A 251 13.50 18.71 -13.04
N ARG A 252 12.19 18.59 -13.20
CA ARG A 252 11.62 17.31 -13.61
C ARG A 252 12.13 16.90 -14.98
N ARG A 253 12.19 17.85 -15.92
CA ARG A 253 12.68 17.56 -17.27
C ARG A 253 14.13 17.10 -17.25
N ALA A 254 14.97 17.78 -16.48
CA ALA A 254 16.38 17.40 -16.37
C ALA A 254 16.54 16.04 -15.71
N LEU A 255 15.74 15.77 -14.67
CA LEU A 255 15.81 14.48 -14.01
C LEU A 255 15.44 13.37 -14.99
N ARG A 256 14.40 13.58 -15.80
CA ARG A 256 14.04 12.57 -16.79
C ARG A 256 15.13 12.42 -17.85
N GLU A 257 15.76 13.53 -18.25
CA GLU A 257 16.85 13.44 -19.22
C GLU A 257 18.04 12.67 -18.65
N ALA A 258 18.33 12.87 -17.37
CA ALA A 258 19.46 12.17 -16.74
C ALA A 258 19.16 10.69 -16.57
N ILE A 259 17.93 10.35 -16.16
CA ILE A 259 17.57 8.94 -16.01
C ILE A 259 17.49 8.25 -17.38
N GLN A 260 17.22 9.00 -18.44
CA GLN A 260 17.26 8.43 -19.78
C GLN A 260 18.70 8.20 -20.24
N GLU A 261 19.54 9.23 -20.14
CA GLU A 261 20.92 9.12 -20.59
C GLU A 261 21.71 8.16 -19.70
N GLY A 262 21.68 8.38 -18.39
CA GLY A 262 22.22 7.43 -17.45
C GLY A 262 21.28 6.27 -17.22
N ARG A 263 21.69 5.39 -16.31
CA ARG A 263 20.90 4.22 -15.95
C ARG A 263 20.61 4.28 -14.45
N LEU A 264 19.35 4.51 -14.11
CA LEU A 264 18.91 4.60 -12.71
C LEU A 264 17.95 3.50 -12.33
N LEU A 265 16.89 3.31 -13.12
CA LEU A 265 15.88 2.31 -12.81
C LEU A 265 16.48 0.90 -12.80
N GLU A 266 17.33 0.60 -13.78
CA GLU A 266 17.99 -0.70 -13.80
C GLU A 266 18.90 -0.86 -12.60
N ARG A 267 19.72 0.16 -12.30
CA ARG A 267 20.55 0.13 -11.11
C ARG A 267 19.71 0.16 -9.83
N MET A 268 18.59 0.89 -9.84
CA MET A 268 17.69 0.88 -8.68
C MET A 268 17.16 -0.53 -8.41
N ALA A 269 16.93 -1.31 -9.47
CA ALA A 269 16.44 -2.67 -9.30
C ALA A 269 17.50 -3.58 -8.69
N GLU A 270 18.68 -3.63 -9.32
CA GLU A 270 19.71 -4.57 -8.90
C GLU A 270 20.16 -4.30 -7.46
N ASP A 271 20.20 -3.03 -7.06
CA ASP A 271 20.53 -2.71 -5.68
C ASP A 271 19.49 -3.26 -4.71
N LEU A 272 18.22 -3.22 -5.11
CA LEU A 272 17.15 -3.70 -4.24
C LEU A 272 17.20 -5.21 -4.07
N LEU A 273 17.57 -5.95 -5.11
CA LEU A 273 17.56 -7.40 -5.04
C LEU A 273 18.79 -7.96 -4.35
N ASN A 274 19.84 -7.17 -4.21
CA ASN A 274 21.05 -7.58 -3.50
C ASN A 274 21.07 -7.09 -2.06
N LEU A 275 20.21 -6.14 -1.70
CA LEU A 275 20.24 -5.56 -0.36
C LEU A 275 20.05 -6.62 0.72
N PHE A 276 19.21 -7.62 0.45
CA PHE A 276 18.88 -8.64 1.44
C PHE A 276 19.51 -9.98 1.13
N ARG A 277 19.98 -10.18 -0.11
CA ARG A 277 20.64 -11.41 -0.51
C ARG A 277 22.08 -11.45 0.00
N GLY A 278 22.40 -12.49 0.78
CA GLY A 278 23.72 -12.65 1.36
C GLY A 278 23.78 -12.43 2.85
N LEU A 279 22.71 -11.90 3.44
CA LEU A 279 22.63 -11.72 4.88
C LEU A 279 22.77 -13.04 5.63
N LEU B 20 -13.69 2.29 14.47
CA LEU B 20 -13.10 2.83 13.25
C LEU B 20 -13.99 3.90 12.61
N SER B 21 -13.35 4.90 11.99
CA SER B 21 -14.05 5.97 11.29
C SER B 21 -13.70 5.89 9.80
N TYR B 22 -14.57 5.27 9.01
CA TYR B 22 -14.39 5.14 7.58
C TYR B 22 -15.47 5.91 6.84
N LEU B 23 -15.45 5.80 5.51
CA LEU B 23 -16.52 6.39 4.69
C LEU B 23 -16.45 5.76 3.30
N TYR B 24 -17.39 4.89 2.99
CA TYR B 24 -17.54 4.36 1.64
C TYR B 24 -18.38 5.29 0.78
N VAL B 25 -17.93 5.45 -0.48
CA VAL B 25 -18.60 6.31 -1.45
C VAL B 25 -18.53 5.63 -2.80
N GLU B 26 -19.67 5.56 -3.51
CA GLU B 26 -19.70 5.02 -4.86
C GLU B 26 -20.57 5.90 -5.75
N HIS B 27 -20.23 5.91 -7.04
CA HIS B 27 -20.98 6.66 -8.06
C HIS B 27 -21.10 8.14 -7.69
N ALA B 28 -19.94 8.77 -7.50
CA ALA B 28 -19.89 10.16 -7.11
C ALA B 28 -18.59 10.78 -7.61
N VAL B 29 -18.43 12.07 -7.40
CA VAL B 29 -17.20 12.80 -7.68
C VAL B 29 -16.68 13.37 -6.37
N VAL B 30 -15.40 13.14 -6.08
CA VAL B 30 -14.79 13.54 -4.81
C VAL B 30 -13.88 14.73 -5.06
N GLU B 31 -14.24 15.89 -4.52
CA GLU B 31 -13.43 17.09 -4.64
C GLU B 31 -13.16 17.64 -3.25
N ARG B 32 -12.25 18.61 -3.16
CA ARG B 32 -12.05 19.34 -1.92
C ARG B 32 -13.12 20.43 -1.86
N GLU B 33 -13.90 20.49 -0.77
CA GLU B 33 -14.98 21.47 -0.69
C GLU B 33 -14.89 22.29 0.61
N ALA B 34 -13.94 23.23 0.62
CA ALA B 34 -13.76 24.35 1.53
C ALA B 34 -13.56 23.97 3.00
N GLY B 35 -14.07 22.81 3.40
CA GLY B 35 -13.90 22.35 4.77
C GLY B 35 -13.26 20.99 4.88
N GLY B 36 -13.72 20.11 4.01
CA GLY B 36 -13.30 18.72 3.99
C GLY B 36 -13.64 18.16 2.63
N ILE B 37 -13.95 16.87 2.60
CA ILE B 37 -14.25 16.21 1.33
C ILE B 37 -15.68 16.53 0.93
N GLY B 38 -15.87 16.87 -0.34
CA GLY B 38 -17.20 17.02 -0.88
C GLY B 38 -17.43 15.96 -1.93
N ILE B 39 -18.35 15.03 -1.67
CA ILE B 39 -18.75 14.03 -2.63
C ILE B 39 -20.05 14.52 -3.28
N TYR B 40 -19.91 14.90 -4.54
CA TYR B 40 -21.03 15.30 -5.38
C TYR B 40 -21.66 14.05 -5.99
N ASP B 41 -22.88 13.77 -5.57
CA ASP B 41 -23.66 12.62 -6.01
C ASP B 41 -24.73 13.09 -6.98
N GLN B 42 -25.16 12.18 -7.84
CA GLN B 42 -26.12 12.51 -8.88
C GLN B 42 -27.55 12.66 -8.38
N GLU B 43 -27.74 12.72 -7.06
CA GLU B 43 -29.00 13.11 -6.43
C GLU B 43 -28.86 14.39 -5.61
N GLY B 44 -27.89 14.43 -4.70
CA GLY B 44 -27.62 15.65 -3.95
C GLY B 44 -26.14 15.89 -3.70
N LEU B 45 -25.80 16.40 -2.53
CA LEU B 45 -24.41 16.69 -2.17
C LEU B 45 -24.14 16.20 -0.75
N THR B 46 -23.11 15.39 -0.56
CA THR B 46 -22.67 15.01 0.78
C THR B 46 -21.31 15.60 1.09
N LEU B 47 -21.11 16.01 2.34
CA LEU B 47 -19.87 16.63 2.80
C LEU B 47 -19.36 15.90 4.03
N ALA B 48 -18.06 15.58 4.04
CA ALA B 48 -17.43 14.83 5.11
C ALA B 48 -16.26 15.60 5.71
N PRO B 49 -16.12 15.60 7.03
CA PRO B 49 -14.96 16.26 7.66
C PRO B 49 -13.70 15.45 7.47
N VAL B 50 -12.65 16.10 6.94
CA VAL B 50 -11.41 15.40 6.66
C VAL B 50 -10.64 15.12 7.94
N ALA B 51 -10.82 15.95 8.97
CA ALA B 51 -10.09 15.78 10.22
C ALA B 51 -10.56 14.53 10.96
N GLY B 52 -9.61 13.65 11.26
CA GLY B 52 -9.92 12.41 11.96
C GLY B 52 -10.74 11.41 11.17
N LEU B 53 -10.53 11.33 9.86
CA LEU B 53 -11.18 10.34 9.01
C LEU B 53 -10.17 9.23 8.76
N GLY B 54 -10.56 7.98 9.06
CA GLY B 54 -9.64 6.88 8.84
C GLY B 54 -9.40 6.57 7.39
N VAL B 55 -10.34 5.86 6.76
CA VAL B 55 -10.22 5.46 5.36
C VAL B 55 -11.40 6.00 4.57
N LEU B 56 -11.11 6.43 3.34
CA LEU B 56 -12.11 6.75 2.34
C LEU B 56 -12.14 5.61 1.34
N PHE B 57 -13.21 4.82 1.35
CA PHE B 57 -13.37 3.71 0.43
C PHE B 57 -14.01 4.21 -0.85
N LEU B 58 -13.29 4.07 -1.96
CA LEU B 58 -13.76 4.51 -3.27
C LEU B 58 -14.33 3.31 -4.01
N GLY B 59 -15.63 3.33 -4.25
CA GLY B 59 -16.32 2.30 -4.99
C GLY B 59 -16.14 2.44 -6.49
N PRO B 60 -16.98 1.74 -7.25
CA PRO B 60 -16.79 1.71 -8.72
C PRO B 60 -16.98 3.05 -9.42
N GLY B 61 -18.07 3.76 -9.15
CA GLY B 61 -18.38 4.98 -9.87
C GLY B 61 -17.62 6.22 -9.48
N THR B 62 -16.55 6.13 -8.69
CA THR B 62 -15.95 7.31 -8.09
C THR B 62 -14.80 7.87 -8.90
N ARG B 63 -14.71 9.20 -8.90
CA ARG B 63 -13.62 9.97 -9.49
C ARG B 63 -13.12 10.93 -8.41
N ILE B 64 -11.82 10.94 -8.15
CA ILE B 64 -11.24 11.77 -7.10
C ILE B 64 -10.36 12.85 -7.71
N THR B 65 -10.36 14.02 -7.07
CA THR B 65 -9.64 15.20 -7.54
C THR B 65 -8.33 15.37 -6.79
N HIS B 66 -7.31 15.87 -7.50
CA HIS B 66 -6.00 16.10 -6.89
C HIS B 66 -6.10 16.95 -5.62
N ALA B 67 -6.94 17.98 -5.64
CA ALA B 67 -7.13 18.81 -4.46
C ALA B 67 -7.65 17.99 -3.28
N ALA B 68 -8.65 17.14 -3.54
CA ALA B 68 -9.18 16.27 -2.49
C ALA B 68 -8.11 15.31 -1.98
N VAL B 69 -7.27 14.81 -2.89
CA VAL B 69 -6.18 13.90 -2.49
C VAL B 69 -5.20 14.64 -1.59
N ARG B 70 -4.90 15.90 -1.91
CA ARG B 70 -4.00 16.69 -1.08
C ARG B 70 -4.58 16.92 0.30
N LEU B 71 -5.85 17.33 0.36
CA LEU B 71 -6.51 17.50 1.65
C LEU B 71 -6.46 16.23 2.47
N LEU B 72 -6.78 15.10 1.83
CA LEU B 72 -6.79 13.81 2.49
C LEU B 72 -5.42 13.44 3.05
N ALA B 73 -4.38 13.59 2.22
CA ALA B 73 -3.04 13.17 2.64
C ALA B 73 -2.49 14.09 3.74
N GLU B 74 -2.87 15.37 3.73
CA GLU B 74 -2.40 16.26 4.80
C GLU B 74 -2.97 15.87 6.16
N ASN B 75 -4.10 15.16 6.19
CA ASN B 75 -4.77 14.82 7.44
C ASN B 75 -4.60 13.34 7.81
N GLY B 76 -3.49 12.73 7.42
CA GLY B 76 -3.25 11.36 7.85
C GLY B 76 -4.26 10.38 7.32
N CYS B 77 -4.84 10.64 6.16
CA CYS B 77 -5.90 9.80 5.62
C CYS B 77 -5.33 8.80 4.62
N THR B 78 -6.08 7.72 4.42
CA THR B 78 -5.79 6.74 3.38
C THR B 78 -7.04 6.51 2.55
N VAL B 79 -6.83 6.12 1.30
CA VAL B 79 -7.89 5.80 0.36
C VAL B 79 -7.73 4.35 -0.08
N ALA B 80 -8.80 3.58 -0.01
CA ALA B 80 -8.79 2.21 -0.49
C ALA B 80 -9.75 2.11 -1.67
N TRP B 81 -9.21 1.76 -2.83
CA TRP B 81 -10.05 1.54 -4.02
C TRP B 81 -10.60 0.13 -3.95
N VAL B 82 -11.89 0.02 -3.62
CA VAL B 82 -12.54 -1.28 -3.43
C VAL B 82 -13.66 -1.43 -4.46
N GLY B 83 -14.17 -2.66 -4.56
CA GLY B 83 -15.19 -2.98 -5.51
C GLY B 83 -16.59 -2.60 -5.05
N GLU B 84 -17.58 -3.24 -5.68
CA GLU B 84 -18.99 -2.98 -5.41
C GLU B 84 -19.36 -3.39 -3.98
N GLY B 85 -19.50 -2.40 -3.10
CA GLY B 85 -19.77 -2.68 -1.70
C GLY B 85 -18.64 -3.42 -1.00
N MET B 86 -17.40 -3.14 -1.40
CA MET B 86 -16.20 -3.65 -0.75
C MET B 86 -16.04 -5.14 -0.93
N ALA B 87 -16.56 -5.67 -2.03
CA ALA B 87 -16.37 -7.08 -2.37
C ALA B 87 -14.94 -7.39 -2.79
N ARG B 88 -14.21 -6.40 -3.29
CA ARG B 88 -12.90 -6.62 -3.86
C ARG B 88 -11.95 -5.51 -3.41
N PHE B 89 -10.65 -5.81 -3.43
CA PHE B 89 -9.61 -4.84 -3.12
C PHE B 89 -8.73 -4.62 -4.35
N TYR B 90 -8.48 -3.34 -4.68
CA TYR B 90 -7.67 -3.01 -5.85
C TYR B 90 -6.38 -2.29 -5.47
N ALA B 91 -6.47 -1.13 -4.82
CA ALA B 91 -5.30 -0.36 -4.43
C ALA B 91 -5.63 0.46 -3.18
N GLN B 92 -4.58 0.90 -2.48
CA GLN B 92 -4.77 1.77 -1.34
C GLN B 92 -3.87 2.99 -1.49
N GLY B 93 -4.41 4.14 -1.09
CA GLY B 93 -3.64 5.38 -1.10
C GLY B 93 -2.94 5.59 0.23
N LEU B 94 -1.63 5.86 0.15
CA LEU B 94 -0.80 6.06 1.33
C LEU B 94 -0.34 7.51 1.44
N GLY B 95 -0.56 8.10 2.61
CA GLY B 95 -0.03 9.41 2.95
C GLY B 95 1.20 9.23 3.83
N ASP B 96 2.09 10.23 3.79
CA ASP B 96 3.36 10.08 4.49
C ASP B 96 3.23 10.30 6.00
N THR B 97 2.05 10.66 6.48
CA THR B 97 1.74 10.68 7.91
C THR B 97 1.20 9.35 8.42
N ARG B 98 1.25 8.31 7.59
CA ARG B 98 0.72 7.00 7.96
C ARG B 98 1.73 6.31 8.87
N SER B 99 1.24 5.76 9.99
CA SER B 99 2.10 5.19 11.01
C SER B 99 2.15 3.67 10.90
N ALA B 100 3.36 3.15 10.71
CA ALA B 100 3.60 1.72 10.52
C ALA B 100 3.78 1.00 11.85
N ALA B 101 3.12 1.46 12.91
CA ALA B 101 3.29 0.80 14.20
C ALA B 101 2.46 -0.46 14.34
N ARG B 102 1.27 -0.52 13.73
CA ARG B 102 0.55 -1.79 13.77
C ARG B 102 1.19 -2.78 12.83
N PHE B 103 1.65 -2.30 11.68
CA PHE B 103 2.51 -3.11 10.81
C PHE B 103 3.73 -3.62 11.56
N TYR B 104 4.37 -2.75 12.36
CA TYR B 104 5.58 -3.15 13.06
C TYR B 104 5.28 -4.18 14.14
N ARG B 105 4.16 -4.02 14.85
CA ARG B 105 3.74 -4.99 15.84
C ARG B 105 3.49 -6.36 15.20
N GLN B 106 2.71 -6.36 14.11
CA GLN B 106 2.44 -7.62 13.41
C GLN B 106 3.73 -8.26 12.90
N ALA B 107 4.67 -7.45 12.41
CA ALA B 107 5.92 -8.01 11.89
C ALA B 107 6.75 -8.62 13.02
N ARG B 108 6.86 -7.91 14.16
CA ARG B 108 7.59 -8.44 15.30
C ARG B 108 6.96 -9.75 15.77
N ALA B 109 5.63 -9.79 15.90
CA ALA B 109 4.94 -11.02 16.25
C ALA B 109 5.25 -12.13 15.25
N TRP B 110 5.10 -11.85 13.96
CA TRP B 110 5.31 -12.85 12.92
C TRP B 110 6.72 -13.43 12.97
N ALA B 111 7.71 -12.59 13.28
CA ALA B 111 9.10 -13.04 13.20
C ALA B 111 9.49 -13.94 14.37
N ASP B 112 9.00 -13.64 15.57
CA ASP B 112 9.41 -14.36 16.77
C ASP B 112 8.52 -15.59 16.96
N PRO B 113 9.09 -16.79 17.02
CA PRO B 113 8.25 -18.01 17.15
C PRO B 113 7.27 -17.99 18.30
N ALA B 114 7.68 -17.56 19.49
CA ALA B 114 6.78 -17.50 20.64
C ALA B 114 5.55 -16.66 20.33
N LEU B 115 5.76 -15.44 19.83
CA LEU B 115 4.64 -14.56 19.54
C LEU B 115 3.86 -15.04 18.33
N HIS B 116 4.53 -15.71 17.39
CA HIS B 116 3.84 -16.31 16.25
C HIS B 116 2.84 -17.35 16.73
N LEU B 117 3.26 -18.21 17.67
CA LEU B 117 2.36 -19.21 18.24
C LEU B 117 1.24 -18.55 19.05
N GLU B 118 1.57 -17.51 19.82
CA GLU B 118 0.53 -16.80 20.57
C GLU B 118 -0.54 -16.24 19.63
N VAL B 119 -0.11 -15.67 18.50
CA VAL B 119 -1.06 -15.13 17.53
C VAL B 119 -1.89 -16.24 16.90
N VAL B 120 -1.26 -17.37 16.59
CA VAL B 120 -1.99 -18.50 16.03
C VAL B 120 -3.07 -18.96 17.01
N MET B 121 -2.71 -19.06 18.30
CA MET B 121 -3.67 -19.53 19.30
C MET B 121 -4.81 -18.52 19.51
N ARG B 122 -4.50 -17.23 19.48
CA ARG B 122 -5.55 -16.22 19.58
C ARG B 122 -6.50 -16.31 18.39
N LEU B 123 -5.95 -16.54 17.19
CA LEU B 123 -6.76 -16.65 15.99
C LEU B 123 -7.65 -17.88 16.02
N TYR B 124 -7.17 -18.97 16.63
CA TYR B 124 -8.00 -20.16 16.77
C TYR B 124 -9.09 -19.95 17.82
N ARG B 125 -8.72 -19.47 19.01
CA ARG B 125 -9.69 -19.23 20.07
C ARG B 125 -10.71 -18.15 19.75
N MET B 126 -10.47 -17.32 18.73
CA MET B 126 -11.42 -16.25 18.46
C MET B 126 -12.69 -16.76 17.77
N ARG B 127 -12.55 -17.73 16.86
CA ARG B 127 -13.71 -18.30 16.20
C ARG B 127 -14.43 -19.35 17.03
N PHE B 128 -13.84 -19.81 18.13
CA PHE B 128 -14.41 -20.91 18.90
C PHE B 128 -15.41 -20.37 19.92
N SER B 129 -16.66 -20.83 19.80
CA SER B 129 -17.65 -20.54 20.82
C SER B 129 -17.43 -21.40 22.05
N GLU B 130 -17.12 -22.69 21.84
CA GLU B 130 -16.78 -23.59 22.93
C GLU B 130 -15.39 -23.22 23.48
N PRO B 131 -15.21 -23.21 24.78
CA PRO B 131 -13.92 -22.79 25.34
C PRO B 131 -12.79 -23.72 24.90
N LEU B 132 -11.59 -23.15 24.73
CA LEU B 132 -10.59 -24.05 24.20
C LEU B 132 -9.65 -24.52 25.32
N PRO B 133 -9.14 -25.76 25.32
CA PRO B 133 -8.55 -26.31 26.55
C PRO B 133 -7.30 -25.62 27.06
N GLU B 134 -6.69 -24.69 26.33
CA GLU B 134 -5.44 -24.08 26.79
C GLU B 134 -4.33 -25.10 27.01
N GLY B 135 -4.43 -26.31 26.48
CA GLY B 135 -3.35 -27.25 26.67
C GLY B 135 -3.06 -28.25 25.55
N LEU B 136 -3.46 -27.94 24.32
CA LEU B 136 -3.29 -28.88 23.22
C LEU B 136 -2.01 -28.61 22.44
N THR B 137 -1.66 -29.56 21.58
CA THR B 137 -0.66 -29.29 20.56
C THR B 137 -1.37 -28.76 19.31
N LEU B 138 -0.58 -28.22 18.38
CA LEU B 138 -1.19 -27.54 17.24
C LEU B 138 -2.01 -28.49 16.39
N GLU B 139 -1.62 -29.76 16.31
CA GLU B 139 -2.39 -30.73 15.55
C GLU B 139 -3.78 -30.94 16.14
N GLN B 140 -3.87 -30.94 17.48
CA GLN B 140 -5.16 -31.13 18.14
C GLN B 140 -6.06 -29.90 17.96
N VAL B 141 -5.49 -28.69 18.09
CA VAL B 141 -6.29 -27.49 17.87
C VAL B 141 -6.75 -27.43 16.42
N ARG B 142 -5.90 -27.91 15.49
CA ARG B 142 -6.28 -27.99 14.08
C ARG B 142 -7.42 -28.97 13.87
N GLY B 143 -7.36 -30.14 14.52
CA GLY B 143 -8.45 -31.09 14.45
C GLY B 143 -9.75 -30.52 15.00
N LEU B 144 -9.66 -29.78 16.12
CA LEU B 144 -10.84 -29.09 16.64
C LEU B 144 -11.38 -28.09 15.63
N GLU B 145 -10.49 -27.43 14.89
CA GLU B 145 -10.93 -26.50 13.85
C GLU B 145 -11.70 -27.23 12.74
N GLY B 146 -11.17 -28.36 12.28
CA GLY B 146 -11.88 -29.17 11.31
C GLY B 146 -13.23 -29.62 11.82
N VAL B 147 -13.28 -30.09 13.06
CA VAL B 147 -14.54 -30.52 13.65
C VAL B 147 -15.55 -29.38 13.68
N ARG B 148 -15.10 -28.18 14.06
CA ARG B 148 -16.00 -27.02 14.12
C ARG B 148 -16.52 -26.63 12.74
N VAL B 149 -15.66 -26.62 11.73
CA VAL B 149 -16.13 -26.21 10.40
C VAL B 149 -17.15 -27.20 9.86
N ARG B 150 -16.83 -28.50 9.91
CA ARG B 150 -17.80 -29.49 9.43
C ARG B 150 -19.07 -29.50 10.28
N ASN B 151 -18.94 -29.20 11.59
CA ASN B 151 -20.11 -29.10 12.45
C ASN B 151 -21.04 -28.00 11.99
N ALA B 152 -20.50 -26.79 11.77
CA ALA B 152 -21.34 -25.70 11.28
C ALA B 152 -21.90 -26.01 9.90
N TYR B 153 -21.13 -26.72 9.07
CA TYR B 153 -21.59 -27.08 7.75
C TYR B 153 -22.84 -27.96 7.83
N ALA B 154 -22.82 -28.94 8.72
CA ALA B 154 -23.98 -29.82 8.81
C ALA B 154 -25.10 -29.23 9.67
N ARG B 155 -24.79 -28.25 10.51
CA ARG B 155 -25.85 -27.65 11.31
C ARG B 155 -26.63 -26.65 10.46
N TRP B 156 -26.01 -26.04 9.46
CA TRP B 156 -26.77 -25.23 8.54
C TRP B 156 -27.33 -26.02 7.38
N SER B 157 -26.76 -27.20 7.09
CA SER B 157 -27.47 -28.17 6.27
C SER B 157 -28.77 -28.60 6.93
N ARG B 158 -28.76 -28.71 8.27
CA ARG B 158 -29.99 -29.01 8.99
C ARG B 158 -30.96 -27.83 8.95
N GLU B 159 -30.53 -26.66 9.44
CA GLU B 159 -31.42 -25.52 9.56
C GLU B 159 -31.98 -25.11 8.20
N THR B 160 -31.11 -24.82 7.23
CA THR B 160 -31.60 -24.49 5.91
C THR B 160 -32.27 -25.66 5.21
N GLY B 161 -32.14 -26.88 5.75
CA GLY B 161 -32.68 -28.06 5.11
C GLY B 161 -32.15 -28.33 3.72
N VAL B 162 -30.85 -28.18 3.51
CA VAL B 162 -30.21 -28.36 2.20
C VAL B 162 -29.22 -29.50 2.35
N PRO B 163 -29.16 -30.45 1.42
CA PRO B 163 -28.18 -31.54 1.56
C PRO B 163 -26.76 -31.02 1.54
N TRP B 164 -25.89 -31.67 2.32
CA TRP B 164 -24.46 -31.33 2.36
C TRP B 164 -23.68 -32.62 2.09
N TYR B 165 -23.50 -32.91 0.81
CA TYR B 165 -22.61 -33.98 0.38
C TYR B 165 -21.17 -33.56 0.63
N GLY B 166 -20.46 -34.33 1.44
CA GLY B 166 -19.13 -33.99 1.93
C GLY B 166 -18.21 -33.20 1.01
N ARG B 175 -18.42 -34.68 -7.39
CA ARG B 175 -17.89 -34.45 -8.73
C ARG B 175 -18.33 -33.07 -9.24
N ALA B 176 -19.65 -32.89 -9.32
CA ALA B 176 -20.26 -31.68 -9.84
C ALA B 176 -20.17 -30.58 -8.78
N ALA B 177 -20.81 -29.43 -9.03
CA ALA B 177 -20.61 -28.24 -8.20
C ALA B 177 -22.00 -27.80 -7.75
N ASP B 178 -22.39 -28.25 -6.56
CA ASP B 178 -23.74 -28.03 -6.08
C ASP B 178 -23.97 -26.54 -5.88
N PRO B 179 -25.19 -26.07 -6.13
CA PRO B 179 -25.47 -24.63 -6.02
C PRO B 179 -25.14 -24.03 -4.67
N VAL B 180 -25.00 -24.83 -3.63
CA VAL B 180 -24.49 -24.33 -2.35
C VAL B 180 -22.97 -24.32 -2.29
N ASN B 181 -22.29 -25.21 -3.02
CA ASN B 181 -20.83 -25.18 -3.03
C ASN B 181 -20.27 -24.14 -4.00
N ARG B 182 -21.02 -23.74 -5.03
CA ARG B 182 -20.59 -22.62 -5.86
C ARG B 182 -20.96 -21.28 -5.24
N ALA B 183 -22.02 -21.25 -4.41
CA ALA B 183 -22.37 -20.05 -3.68
C ALA B 183 -21.41 -19.80 -2.53
N LEU B 184 -20.89 -20.88 -1.96
CA LEU B 184 -19.86 -20.78 -0.93
C LEU B 184 -18.66 -20.01 -1.44
N SER B 185 -18.19 -20.33 -2.65
CA SER B 185 -17.03 -19.64 -3.22
C SER B 185 -17.38 -18.22 -3.64
N ALA B 186 -18.58 -18.02 -4.19
CA ALA B 186 -19.03 -16.68 -4.56
C ALA B 186 -19.00 -15.74 -3.37
N GLY B 187 -19.40 -16.22 -2.20
CA GLY B 187 -19.29 -15.40 -1.00
C GLY B 187 -17.90 -15.33 -0.42
N ALA B 188 -17.11 -16.41 -0.56
CA ALA B 188 -15.72 -16.39 -0.11
C ALA B 188 -14.92 -15.29 -0.79
N SER B 189 -15.09 -15.14 -2.11
CA SER B 189 -14.43 -14.05 -2.83
C SER B 189 -14.71 -12.70 -2.15
N TYR B 190 -15.99 -12.46 -1.84
CA TYR B 190 -16.38 -11.21 -1.19
C TYR B 190 -15.72 -11.08 0.18
N LEU B 191 -15.70 -12.17 0.94
CA LEU B 191 -15.07 -12.12 2.27
C LEU B 191 -13.58 -11.80 2.16
N TYR B 192 -12.92 -12.33 1.13
CA TYR B 192 -11.51 -12.03 0.92
C TYR B 192 -11.30 -10.56 0.57
N GLY B 193 -12.16 -10.02 -0.29
CA GLY B 193 -12.09 -8.59 -0.57
C GLY B 193 -12.23 -7.73 0.67
N LEU B 194 -13.23 -8.04 1.50
CA LEU B 194 -13.42 -7.29 2.75
C LEU B 194 -12.20 -7.41 3.65
N ALA B 195 -11.70 -8.63 3.82
CA ALA B 195 -10.54 -8.85 4.69
C ALA B 195 -9.34 -8.05 4.22
N HIS B 196 -9.06 -8.10 2.91
CA HIS B 196 -7.94 -7.35 2.34
C HIS B 196 -8.09 -5.85 2.57
N ALA B 197 -9.28 -5.31 2.27
CA ALA B 197 -9.53 -3.89 2.47
C ALA B 197 -9.35 -3.49 3.93
N ALA B 198 -9.92 -4.26 4.85
CA ALA B 198 -9.81 -3.92 6.27
C ALA B 198 -8.38 -4.00 6.76
N ILE B 199 -7.63 -5.03 6.34
CA ILE B 199 -6.25 -5.18 6.76
C ILE B 199 -5.42 -3.97 6.32
N VAL B 200 -5.43 -3.67 5.02
CA VAL B 200 -4.58 -2.57 4.56
C VAL B 200 -5.10 -1.24 5.09
N SER B 201 -6.40 -1.12 5.33
CA SER B 201 -6.97 0.14 5.81
C SER B 201 -6.53 0.46 7.23
N LEU B 202 -6.41 -0.56 8.08
CA LEU B 202 -5.93 -0.37 9.45
C LEU B 202 -4.41 -0.36 9.55
N GLY B 203 -3.70 -0.51 8.44
CA GLY B 203 -2.27 -0.42 8.46
C GLY B 203 -1.56 -1.71 8.83
N PHE B 204 -2.14 -2.85 8.48
CA PHE B 204 -1.52 -4.15 8.70
C PHE B 204 -0.99 -4.70 7.38
N SER B 205 -0.20 -5.77 7.48
CA SER B 205 0.37 -6.39 6.30
C SER B 205 -0.55 -7.51 5.83
N PRO B 206 -1.06 -7.47 4.60
CA PRO B 206 -1.90 -8.59 4.15
C PRO B 206 -1.04 -9.79 3.75
N ALA B 207 0.27 -9.70 3.99
CA ALA B 207 1.19 -10.76 3.61
C ALA B 207 1.78 -11.53 4.78
N LEU B 208 1.71 -10.99 6.00
CA LEU B 208 2.28 -11.66 7.17
C LEU B 208 1.22 -12.56 7.80
N GLY B 209 1.12 -13.77 7.24
CA GLY B 209 0.19 -14.74 7.75
C GLY B 209 0.78 -15.61 8.84
N PHE B 210 -0.08 -16.03 9.77
CA PHE B 210 0.34 -16.81 10.93
C PHE B 210 -0.14 -18.26 10.83
N ILE B 211 -1.41 -18.47 10.52
CA ILE B 211 -1.92 -19.81 10.24
C ILE B 211 -1.69 -20.19 8.78
N HIS B 212 -2.08 -19.31 7.85
CA HIS B 212 -1.70 -19.45 6.46
C HIS B 212 -0.36 -18.76 6.27
N THR B 213 0.62 -19.48 5.73
CA THR B 213 1.92 -18.91 5.44
C THR B 213 2.30 -19.15 3.99
N GLY B 214 3.24 -18.33 3.50
CA GLY B 214 3.91 -18.60 2.24
C GLY B 214 3.63 -17.61 1.12
N LYS B 215 2.40 -17.12 1.02
CA LYS B 215 1.98 -16.27 -0.08
C LYS B 215 1.56 -14.90 0.43
N LEU B 216 1.60 -13.93 -0.48
CA LEU B 216 0.88 -12.68 -0.23
C LEU B 216 -0.60 -13.01 -0.13
N LEU B 217 -1.31 -12.26 0.72
CA LEU B 217 -2.71 -12.46 1.09
C LEU B 217 -2.88 -13.56 2.13
N SER B 218 -1.79 -14.06 2.72
CA SER B 218 -1.92 -15.11 3.72
C SER B 218 -2.70 -14.62 4.93
N PHE B 219 -2.36 -13.42 5.43
CA PHE B 219 -3.07 -12.86 6.56
C PHE B 219 -4.50 -12.50 6.20
N VAL B 220 -4.76 -12.24 4.92
CA VAL B 220 -6.14 -12.04 4.45
C VAL B 220 -6.96 -13.30 4.68
N TYR B 221 -6.39 -14.46 4.34
CA TYR B 221 -7.07 -15.74 4.55
C TYR B 221 -7.23 -16.01 6.04
N ASP B 222 -6.15 -15.78 6.81
CA ASP B 222 -6.18 -15.90 8.26
C ASP B 222 -7.37 -15.16 8.86
N ILE B 223 -7.57 -13.90 8.48
CA ILE B 223 -8.64 -13.15 9.12
C ILE B 223 -10.00 -13.41 8.47
N ALA B 224 -10.04 -13.92 7.23
CA ALA B 224 -11.33 -14.27 6.64
C ALA B 224 -11.93 -15.51 7.29
N ASP B 225 -11.07 -16.46 7.67
CA ASP B 225 -11.55 -17.68 8.31
C ASP B 225 -12.29 -17.39 9.62
N LEU B 226 -11.95 -16.28 10.29
CA LEU B 226 -12.61 -15.96 11.56
C LEU B 226 -14.10 -15.67 11.38
N TYR B 227 -14.50 -15.24 10.19
CA TYR B 227 -15.86 -14.81 9.92
C TYR B 227 -16.56 -15.71 8.93
N LYS B 228 -15.85 -16.67 8.31
CA LYS B 228 -16.50 -17.55 7.36
C LYS B 228 -17.63 -18.33 8.01
N ALA B 229 -17.41 -18.83 9.23
CA ALA B 229 -18.43 -19.66 9.89
C ALA B 229 -19.65 -18.85 10.30
N ASP B 230 -19.47 -17.58 10.65
CA ASP B 230 -20.59 -16.78 11.13
C ASP B 230 -21.33 -16.07 10.00
N TYR B 231 -20.69 -15.82 8.87
CA TYR B 231 -21.36 -15.06 7.81
C TYR B 231 -21.52 -15.83 6.50
N LEU B 232 -20.50 -16.57 6.06
CA LEU B 232 -20.51 -17.14 4.72
C LEU B 232 -21.41 -18.37 4.64
N VAL B 233 -21.31 -19.28 5.61
CA VAL B 233 -22.07 -20.53 5.58
C VAL B 233 -23.56 -20.26 5.77
N PRO B 234 -23.98 -19.47 6.80
CA PRO B 234 -25.42 -19.18 6.94
C PRO B 234 -26.05 -18.59 5.68
N ALA B 235 -25.48 -17.49 5.17
CA ALA B 235 -26.05 -16.82 4.01
C ALA B 235 -26.09 -17.75 2.79
N ALA B 236 -25.05 -18.57 2.62
CA ALA B 236 -24.99 -19.41 1.42
C ALA B 236 -25.99 -20.55 1.49
N PHE B 237 -26.30 -21.03 2.70
CA PHE B 237 -27.33 -22.04 2.80
C PHE B 237 -28.73 -21.44 2.73
N ARG B 238 -28.94 -20.28 3.37
CA ARG B 238 -30.23 -19.61 3.29
C ARG B 238 -30.61 -19.32 1.84
N THR B 239 -29.68 -18.78 1.06
CA THR B 239 -29.97 -18.42 -0.32
C THR B 239 -29.80 -19.56 -1.31
N VAL B 240 -29.17 -20.68 -0.92
CA VAL B 240 -29.29 -21.90 -1.71
C VAL B 240 -30.53 -22.70 -1.33
N ALA B 241 -31.24 -22.26 -0.30
CA ALA B 241 -32.54 -22.79 0.09
C ALA B 241 -33.68 -22.04 -0.57
N GLU B 242 -33.72 -20.71 -0.43
CA GLU B 242 -34.80 -19.91 -1.00
C GLU B 242 -34.74 -19.80 -2.52
N SER B 243 -33.65 -20.24 -3.15
CA SER B 243 -33.59 -20.38 -4.60
C SER B 243 -32.41 -21.29 -4.93
N GLU B 244 -32.27 -21.61 -6.21
CA GLU B 244 -31.19 -22.47 -6.68
C GLU B 244 -30.51 -21.98 -7.94
N GLU B 245 -31.02 -20.91 -8.56
CA GLU B 245 -30.61 -20.53 -9.92
C GLU B 245 -29.47 -19.53 -9.92
N ALA B 246 -29.69 -18.35 -9.36
CA ALA B 246 -28.74 -17.24 -9.42
C ALA B 246 -27.95 -17.12 -8.14
N VAL B 247 -27.51 -18.26 -7.61
CA VAL B 247 -27.00 -18.36 -6.25
C VAL B 247 -25.90 -17.32 -5.98
N GLU B 248 -24.90 -17.25 -6.86
CA GLU B 248 -23.71 -16.43 -6.59
C GLU B 248 -24.06 -14.99 -6.24
N ARG B 249 -24.71 -14.28 -7.16
CA ARG B 249 -25.02 -12.87 -6.94
C ARG B 249 -25.91 -12.67 -5.73
N ARG B 250 -26.82 -13.61 -5.46
CA ARG B 250 -27.73 -13.46 -4.33
C ARG B 250 -27.01 -13.67 -3.00
N VAL B 251 -26.07 -14.61 -2.95
CA VAL B 251 -25.21 -14.77 -1.78
C VAL B 251 -24.41 -13.50 -1.55
N ARG B 252 -23.85 -12.93 -2.61
CA ARG B 252 -23.08 -11.70 -2.46
C ARG B 252 -23.95 -10.55 -1.95
N ARG B 253 -25.19 -10.47 -2.44
CA ARG B 253 -26.11 -9.46 -1.93
C ARG B 253 -26.42 -9.68 -0.46
N ALA B 254 -26.66 -10.93 -0.07
CA ALA B 254 -26.94 -11.24 1.33
C ALA B 254 -25.75 -10.87 2.22
N LEU B 255 -24.54 -11.18 1.78
CA LEU B 255 -23.34 -10.79 2.54
C LEU B 255 -23.21 -9.28 2.65
N ARG B 256 -23.45 -8.56 1.55
CA ARG B 256 -23.34 -7.10 1.59
C ARG B 256 -24.36 -6.50 2.55
N GLU B 257 -25.55 -7.10 2.63
CA GLU B 257 -26.50 -6.68 3.67
C GLU B 257 -25.96 -7.00 5.05
N ALA B 258 -25.51 -8.24 5.26
CA ALA B 258 -25.02 -8.66 6.56
C ALA B 258 -23.69 -8.01 6.93
N ILE B 259 -22.96 -7.46 5.97
CA ILE B 259 -21.75 -6.71 6.27
C ILE B 259 -22.05 -5.31 6.78
N GLN B 260 -23.28 -4.83 6.60
CA GLN B 260 -23.70 -3.52 7.06
C GLN B 260 -24.87 -3.56 8.03
N GLU B 261 -25.81 -4.50 7.85
CA GLU B 261 -26.82 -4.73 8.87
C GLU B 261 -26.16 -5.05 10.20
N GLY B 262 -25.27 -6.04 10.20
CA GLY B 262 -24.40 -6.28 11.33
C GLY B 262 -23.25 -5.30 11.32
N ARG B 263 -22.22 -5.64 12.10
CA ARG B 263 -21.04 -4.78 12.17
C ARG B 263 -19.82 -5.56 11.69
N LEU B 264 -19.97 -6.25 10.55
CA LEU B 264 -18.90 -7.13 10.08
C LEU B 264 -17.59 -6.35 9.92
N LEU B 265 -17.65 -5.18 9.30
CA LEU B 265 -16.45 -4.34 9.19
C LEU B 265 -15.94 -3.92 10.56
N GLU B 266 -16.85 -3.48 11.43
CA GLU B 266 -16.46 -3.09 12.78
C GLU B 266 -15.96 -4.29 13.58
N ARG B 267 -16.66 -5.43 13.49
CA ARG B 267 -16.19 -6.63 14.16
C ARG B 267 -14.83 -7.06 13.62
N MET B 268 -14.63 -6.93 12.30
CA MET B 268 -13.32 -7.19 11.71
C MET B 268 -12.26 -6.22 12.21
N ALA B 269 -12.64 -4.96 12.47
CA ALA B 269 -11.68 -3.96 12.91
C ALA B 269 -11.17 -4.27 14.32
N GLU B 270 -12.08 -4.39 15.29
CA GLU B 270 -11.66 -4.58 16.67
C GLU B 270 -10.90 -5.90 16.85
N ASP B 271 -11.29 -6.96 16.12
CA ASP B 271 -10.52 -8.20 16.18
C ASP B 271 -9.10 -8.00 15.67
N LEU B 272 -8.94 -7.18 14.63
CA LEU B 272 -7.61 -6.93 14.07
C LEU B 272 -6.76 -6.12 15.03
N LEU B 273 -7.37 -5.17 15.75
CA LEU B 273 -6.61 -4.29 16.63
C LEU B 273 -6.30 -4.91 17.98
N ASN B 274 -7.01 -5.98 18.36
CA ASN B 274 -6.74 -6.65 19.62
C ASN B 274 -5.85 -7.87 19.48
N LEU B 275 -5.66 -8.35 18.25
CA LEU B 275 -4.93 -9.59 18.03
C LEU B 275 -3.49 -9.46 18.50
N PHE B 276 -2.87 -8.31 18.31
CA PHE B 276 -1.44 -8.12 18.59
C PHE B 276 -1.22 -7.35 19.90
N ARG B 277 -1.65 -7.92 21.02
CA ARG B 277 -1.37 -7.34 22.33
C ARG B 277 -0.60 -8.30 23.22
N GLY B 278 0.35 -9.04 22.65
CA GLY B 278 1.16 -9.99 23.39
C GLY B 278 2.31 -9.35 24.15
N LEU B 279 3.52 -9.90 24.04
CA LEU B 279 4.68 -9.23 24.61
C LEU B 279 4.87 -7.92 23.88
N GLY B 280 4.70 -6.81 24.59
CA GLY B 280 4.74 -5.51 23.95
C GLY B 280 6.16 -4.98 23.80
N LEU B 281 6.42 -4.35 22.66
CA LEU B 281 7.68 -3.68 22.45
C LEU B 281 7.47 -2.29 21.84
N PRO B 282 6.45 -1.51 22.29
CA PRO B 282 6.66 -0.07 22.06
C PRO B 282 7.31 0.61 23.28
#